data_9IY5
#
_entry.id   9IY5
#
_cell.length_a   47.030
_cell.length_b   61.447
_cell.length_c   64.716
_cell.angle_alpha   68.48
_cell.angle_beta   88.73
_cell.angle_gamma   67.79
#
_symmetry.space_group_name_H-M   'P 1'
#
loop_
_entity.id
_entity.type
_entity.pdbx_description
1 polymer 'WD repeat-containing protein 5'
2 polymer YCP-A1EAK-A1ECH
3 water water
#
loop_
_entity_poly.entity_id
_entity_poly.type
_entity_poly.pdbx_seq_one_letter_code
_entity_poly.pdbx_strand_id
1 'polypeptide(L)'
;MATEEKKPETEAARAQPTPSSSATQSKPTPVKPNYALKFTLAGHTKAVSSVKFSPNGEWLASSSADKLIKIWGAYDGKFE
KTISGHKLGISDVAWSSDSNLLVSASDDKTLKIWDVSSGKCLKTLKGHSNYVFCCNFNPQSNLIVSGSFDESVRIWDVKT
GKCLKTLPAHSDPVSAVHFNRDGSLIVSSSYDGLCRIWDTASGQCLKTLIDDDNPPVSFVKFSPNGKYILAATLDNTLKL
WDYSKGKCLKTYTGHKNEKYCIFANFSVTGGKWIVSGSEDNLVYIWNLQTKEIVQKLQGHTDVVISTACHPTENIIASAA
LENDKTIKLWKSDC
;
A,B
2 'polypeptide(L)' (YCP)(A1EAK)(A1ECH) C,D
#
# COMPACT_ATOMS: atom_id res chain seq x y z
N VAL A 31 -17.99 14.53 -13.22
CA VAL A 31 -18.37 14.27 -14.60
C VAL A 31 -17.37 13.32 -15.26
N LYS A 32 -16.08 13.64 -15.12
CA LYS A 32 -15.00 12.90 -15.76
C LYS A 32 -13.82 12.77 -14.80
N PRO A 33 -13.14 11.62 -14.76
CA PRO A 33 -11.95 11.48 -13.92
C PRO A 33 -10.76 12.16 -14.59
N ASN A 34 -9.68 12.34 -13.81
CA ASN A 34 -8.45 12.96 -14.30
C ASN A 34 -7.25 12.12 -13.89
N TYR A 35 -7.37 10.82 -14.08
CA TYR A 35 -6.28 9.89 -13.76
C TYR A 35 -4.99 10.32 -14.44
N ALA A 36 -3.94 10.45 -13.65
CA ALA A 36 -2.61 10.81 -14.10
C ALA A 36 -1.61 9.73 -13.67
N LEU A 37 -0.59 9.52 -14.49
CA LEU A 37 0.44 8.53 -14.19
C LEU A 37 1.27 8.94 -12.98
N LYS A 38 1.36 8.03 -12.01
CA LYS A 38 2.21 8.23 -10.84
C LYS A 38 3.46 7.38 -10.84
N PHE A 39 3.36 6.11 -11.22
CA PHE A 39 4.50 5.20 -11.14
C PHE A 39 4.44 4.21 -12.29
N THR A 40 5.62 3.85 -12.78
CA THR A 40 5.80 2.72 -13.69
C THR A 40 6.63 1.66 -13.00
N LEU A 41 6.07 0.47 -12.87
CA LEU A 41 6.66 -0.60 -12.07
C LEU A 41 7.31 -1.59 -13.03
N ALA A 42 8.64 -1.57 -13.11
CA ALA A 42 9.39 -2.44 -14.01
C ALA A 42 10.01 -3.61 -13.27
N GLY A 43 10.01 -4.79 -13.90
CA GLY A 43 10.78 -5.89 -13.32
C GLY A 43 10.48 -7.26 -13.86
N HIS A 44 9.24 -7.49 -14.26
CA HIS A 44 8.88 -8.70 -14.97
C HIS A 44 9.65 -8.72 -16.29
N THR A 45 10.03 -9.93 -16.74
CA THR A 45 10.80 -10.11 -17.96
C THR A 45 9.98 -10.65 -19.12
N LYS A 46 8.69 -10.94 -18.91
CA LYS A 46 7.79 -11.30 -20.02
C LYS A 46 6.48 -10.52 -19.88
N ALA A 47 5.44 -10.88 -20.63
CA ALA A 47 4.16 -10.21 -20.46
C ALA A 47 3.68 -10.28 -19.01
N VAL A 48 3.14 -9.15 -18.52
CA VAL A 48 2.35 -9.20 -17.31
C VAL A 48 1.00 -9.80 -17.69
N SER A 49 0.45 -10.63 -16.82
CA SER A 49 -0.87 -11.21 -17.08
C SER A 49 -1.98 -10.61 -16.21
N SER A 50 -1.66 -10.12 -15.02
CA SER A 50 -2.73 -9.80 -14.09
C SER A 50 -2.19 -8.99 -12.93
N VAL A 51 -2.94 -7.94 -12.53
CA VAL A 51 -2.63 -7.16 -11.35
C VAL A 51 -3.88 -7.05 -10.49
N LYS A 52 -3.69 -7.11 -9.17
CA LYS A 52 -4.78 -7.06 -8.20
C LYS A 52 -4.30 -6.35 -6.95
N PHE A 53 -5.11 -5.41 -6.45
CA PHE A 53 -4.87 -4.79 -5.15
C PHE A 53 -5.28 -5.73 -4.02
N SER A 54 -4.48 -5.76 -2.98
CA SER A 54 -4.87 -6.48 -1.78
C SER A 54 -6.14 -5.84 -1.21
N PRO A 55 -6.96 -6.63 -0.52
CA PRO A 55 -8.21 -6.09 0.01
C PRO A 55 -7.99 -4.97 1.02
N ASN A 56 -6.89 -4.98 1.79
CA ASN A 56 -6.64 -3.86 2.69
C ASN A 56 -6.03 -2.65 1.97
N GLY A 57 -5.81 -2.73 0.65
CA GLY A 57 -5.29 -1.61 -0.11
C GLY A 57 -3.79 -1.41 -0.05
N GLU A 58 -3.06 -2.26 0.67
CA GLU A 58 -1.66 -1.97 0.96
C GLU A 58 -0.76 -2.32 -0.22
N TRP A 59 -1.09 -3.38 -0.95
CA TRP A 59 -0.18 -3.99 -1.91
C TRP A 59 -0.85 -4.14 -3.26
N LEU A 60 -0.04 -4.06 -4.30
CA LEU A 60 -0.42 -4.63 -5.58
C LEU A 60 0.35 -5.92 -5.75
N ALA A 61 -0.33 -6.94 -6.25
CA ALA A 61 0.32 -8.18 -6.67
C ALA A 61 0.24 -8.29 -8.19
N SER A 62 1.31 -8.82 -8.80
CA SER A 62 1.31 -9.02 -10.24
C SER A 62 1.81 -10.42 -10.58
N SER A 63 1.23 -10.97 -11.64
CA SER A 63 1.65 -12.25 -12.19
C SER A 63 2.06 -12.00 -13.63
N SER A 64 2.82 -12.95 -14.20
CA SER A 64 3.45 -12.69 -15.49
C SER A 64 3.76 -14.03 -16.12
N ALA A 65 3.90 -13.99 -17.45
CA ALA A 65 4.40 -15.14 -18.19
C ALA A 65 5.79 -15.56 -17.74
N ASP A 66 6.51 -14.68 -17.01
CA ASP A 66 7.87 -14.99 -16.59
C ASP A 66 7.90 -15.93 -15.38
N LYS A 67 6.75 -16.52 -15.03
CA LYS A 67 6.55 -17.51 -13.96
C LYS A 67 6.61 -16.92 -12.56
N LEU A 68 6.56 -15.60 -12.41
CA LEU A 68 6.77 -14.97 -11.10
C LEU A 68 5.59 -14.12 -10.67
N ILE A 69 5.44 -13.99 -9.36
CA ILE A 69 4.55 -13.05 -8.74
C ILE A 69 5.41 -11.97 -8.11
N LYS A 70 5.01 -10.71 -8.27
CA LYS A 70 5.74 -9.65 -7.61
C LYS A 70 4.76 -8.85 -6.76
N ILE A 71 5.23 -8.42 -5.60
CA ILE A 71 4.47 -7.58 -4.68
C ILE A 71 5.07 -6.18 -4.71
N TRP A 72 4.20 -5.17 -4.75
CA TRP A 72 4.59 -3.78 -4.83
C TRP A 72 3.73 -2.96 -3.87
N GLY A 73 4.33 -1.94 -3.25
CA GLY A 73 3.55 -1.00 -2.47
C GLY A 73 2.53 -0.23 -3.29
N ALA A 74 1.26 -0.17 -2.84
CA ALA A 74 0.24 0.38 -3.71
C ALA A 74 0.35 1.89 -3.86
N TYR A 75 0.90 2.58 -2.85
CA TYR A 75 0.87 4.04 -2.81
C TYR A 75 2.20 4.69 -3.19
N ASP A 76 3.31 3.99 -3.00
CA ASP A 76 4.63 4.49 -3.43
C ASP A 76 5.24 3.66 -4.53
N GLY A 77 4.52 2.67 -5.05
CA GLY A 77 5.01 1.81 -6.14
C GLY A 77 6.23 0.96 -5.84
N LYS A 78 6.65 0.96 -4.57
CA LYS A 78 7.90 0.33 -4.17
C LYS A 78 7.89 -1.18 -4.33
N PHE A 79 8.83 -1.72 -5.10
CA PHE A 79 8.97 -3.17 -5.20
C PHE A 79 9.23 -3.77 -3.82
N GLU A 80 8.46 -4.82 -3.47
CA GLU A 80 8.56 -5.48 -2.18
C GLU A 80 9.27 -6.83 -2.24
N LYS A 81 8.77 -7.79 -3.04
CA LYS A 81 9.51 -9.03 -3.23
C LYS A 81 9.00 -9.79 -4.44
N THR A 82 9.74 -10.84 -4.78
CA THR A 82 9.38 -11.81 -5.82
C THR A 82 8.99 -13.13 -5.19
N ILE A 83 7.91 -13.72 -5.69
CA ILE A 83 7.40 -15.00 -5.22
C ILE A 83 7.53 -15.99 -6.36
N SER A 84 8.27 -17.07 -6.14
CA SER A 84 8.65 -17.98 -7.23
C SER A 84 8.28 -19.42 -6.89
N GLY A 85 8.13 -20.24 -7.95
CA GLY A 85 7.86 -21.65 -7.76
C GLY A 85 7.12 -22.34 -8.89
N HIS A 86 6.29 -21.61 -9.63
CA HIS A 86 5.62 -22.20 -10.78
C HIS A 86 6.63 -22.56 -11.86
N LYS A 87 6.34 -23.62 -12.62
CA LYS A 87 7.28 -24.11 -13.64
C LYS A 87 7.01 -23.51 -15.01
N LEU A 88 5.88 -22.83 -15.18
CA LEU A 88 5.49 -22.16 -16.40
C LEU A 88 4.78 -20.86 -16.03
N GLY A 89 4.40 -20.10 -17.05
CA GLY A 89 3.88 -18.75 -16.82
C GLY A 89 2.57 -18.76 -16.06
N ILE A 90 2.28 -17.63 -15.42
CA ILE A 90 1.12 -17.48 -14.56
C ILE A 90 0.13 -16.58 -15.29
N SER A 91 -1.16 -17.00 -15.29
CA SER A 91 -2.22 -16.27 -15.95
C SER A 91 -3.01 -15.36 -15.02
N ASP A 92 -3.00 -15.61 -13.71
CA ASP A 92 -3.88 -14.90 -12.80
C ASP A 92 -3.39 -15.05 -11.37
N VAL A 93 -3.74 -14.06 -10.55
CA VAL A 93 -3.39 -14.09 -9.14
C VAL A 93 -4.59 -13.56 -8.40
N ALA A 94 -4.77 -13.99 -7.16
CA ALA A 94 -5.89 -13.43 -6.40
C ALA A 94 -5.59 -13.42 -4.91
N TRP A 95 -6.18 -12.45 -4.21
CA TRP A 95 -5.94 -12.24 -2.79
C TRP A 95 -7.07 -12.79 -1.93
N SER A 96 -6.70 -13.29 -0.75
CA SER A 96 -7.66 -13.59 0.29
C SER A 96 -8.10 -12.32 1.00
N SER A 97 -9.23 -12.42 1.72
CA SER A 97 -9.84 -11.24 2.30
C SER A 97 -8.97 -10.59 3.36
N ASP A 98 -8.18 -11.37 4.08
CA ASP A 98 -7.32 -10.76 5.10
C ASP A 98 -6.01 -10.22 4.53
N SER A 99 -5.82 -10.31 3.21
CA SER A 99 -4.62 -9.86 2.50
C SER A 99 -3.37 -10.64 2.86
N ASN A 100 -3.53 -11.83 3.45
CA ASN A 100 -2.37 -12.62 3.86
C ASN A 100 -1.97 -13.72 2.89
N LEU A 101 -2.88 -14.19 2.04
CA LEU A 101 -2.61 -15.27 1.11
C LEU A 101 -2.84 -14.80 -0.33
N LEU A 102 -2.13 -15.41 -1.26
CA LEU A 102 -2.42 -15.27 -2.67
C LEU A 102 -2.73 -16.65 -3.25
N VAL A 103 -3.46 -16.68 -4.36
CA VAL A 103 -3.52 -17.88 -5.19
C VAL A 103 -3.09 -17.47 -6.60
N SER A 104 -2.40 -18.37 -7.29
CA SER A 104 -1.99 -18.12 -8.67
C SER A 104 -2.47 -19.28 -9.55
N ALA A 105 -2.72 -18.99 -10.83
CA ALA A 105 -3.06 -20.02 -11.82
C ALA A 105 -1.98 -20.03 -12.89
N SER A 106 -1.50 -21.24 -13.24
CA SER A 106 -0.32 -21.40 -14.08
C SER A 106 -0.59 -22.38 -15.21
N ASP A 107 0.21 -22.23 -16.25
CA ASP A 107 0.27 -23.14 -17.38
C ASP A 107 0.84 -24.50 -16.98
N ASP A 108 1.42 -24.61 -15.79
CA ASP A 108 1.89 -25.91 -15.32
C ASP A 108 0.75 -26.77 -14.78
N LYS A 109 -0.48 -26.28 -14.95
CA LYS A 109 -1.75 -26.97 -14.72
C LYS A 109 -2.11 -27.01 -13.25
N THR A 110 -1.34 -26.35 -12.39
CA THR A 110 -1.63 -26.27 -10.97
C THR A 110 -2.04 -24.86 -10.57
N LEU A 111 -2.67 -24.75 -9.42
CA LEU A 111 -2.72 -23.51 -8.67
C LEU A 111 -1.81 -23.63 -7.45
N LYS A 112 -1.29 -22.50 -7.00
CA LYS A 112 -0.49 -22.47 -5.77
C LYS A 112 -1.10 -21.43 -4.84
N ILE A 113 -1.19 -21.81 -3.56
CA ILE A 113 -1.53 -20.91 -2.47
C ILE A 113 -0.22 -20.46 -1.82
N TRP A 114 -0.07 -19.14 -1.65
CA TRP A 114 1.17 -18.56 -1.18
C TRP A 114 0.92 -17.81 0.13
N ASP A 115 1.83 -17.97 1.08
CA ASP A 115 1.85 -17.10 2.25
C ASP A 115 2.67 -15.88 1.86
N VAL A 116 2.02 -14.72 1.77
CA VAL A 116 2.67 -13.56 1.21
C VAL A 116 3.85 -13.12 2.07
N SER A 117 3.67 -13.11 3.39
N SER A 117 3.68 -13.11 3.40
CA SER A 117 4.72 -12.62 4.29
CA SER A 117 4.73 -12.59 4.27
C SER A 117 5.99 -13.42 4.14
C SER A 117 6.01 -13.42 4.16
N SER A 118 5.88 -14.74 4.10
CA SER A 118 7.02 -15.63 3.95
C SER A 118 7.40 -15.89 2.50
N GLY A 119 6.44 -15.82 1.59
CA GLY A 119 6.70 -16.19 0.21
C GLY A 119 6.69 -17.68 -0.05
N LYS A 120 6.36 -18.49 0.95
CA LYS A 120 6.33 -19.94 0.81
C LYS A 120 5.05 -20.38 0.10
N CYS A 121 5.19 -21.44 -0.68
CA CYS A 121 4.05 -22.13 -1.28
C CYS A 121 3.43 -23.05 -0.22
N LEU A 122 2.23 -22.71 0.22
CA LEU A 122 1.54 -23.50 1.24
C LEU A 122 0.93 -24.76 0.66
N LYS A 123 0.33 -24.66 -0.53
CA LYS A 123 -0.28 -25.82 -1.17
C LYS A 123 -0.13 -25.69 -2.67
N THR A 124 -0.06 -26.83 -3.34
CA THR A 124 -0.18 -26.87 -4.78
C THR A 124 -1.49 -27.57 -5.07
N LEU A 125 -2.33 -26.96 -5.90
CA LEU A 125 -3.68 -27.49 -6.20
C LEU A 125 -3.64 -28.23 -7.55
N LYS A 126 -3.51 -29.57 -7.53
CA LYS A 126 -3.52 -30.38 -8.76
C LYS A 126 -4.92 -30.91 -9.05
N GLY A 127 -5.24 -30.96 -10.34
CA GLY A 127 -6.50 -31.54 -10.78
C GLY A 127 -6.81 -31.22 -12.22
N HIS A 128 -6.60 -29.95 -12.59
CA HIS A 128 -6.86 -29.56 -13.97
C HIS A 128 -5.97 -30.35 -14.92
N SER A 129 -6.46 -30.58 -16.12
CA SER A 129 -5.72 -31.33 -17.14
C SER A 129 -5.12 -30.42 -18.21
N ASN A 130 -5.15 -29.11 -18.02
CA ASN A 130 -4.56 -28.16 -18.96
C ASN A 130 -4.32 -26.86 -18.21
N TYR A 131 -3.81 -25.86 -18.94
CA TYR A 131 -3.44 -24.60 -18.31
C TYR A 131 -4.57 -24.09 -17.43
N VAL A 132 -4.21 -23.65 -16.23
CA VAL A 132 -5.19 -22.95 -15.40
C VAL A 132 -5.10 -21.49 -15.78
N PHE A 133 -6.27 -20.88 -16.00
CA PHE A 133 -6.32 -19.53 -16.61
C PHE A 133 -6.84 -18.46 -15.65
N CYS A 134 -7.62 -18.84 -14.64
CA CYS A 134 -8.21 -17.80 -13.81
C CYS A 134 -8.50 -18.38 -12.43
N CYS A 135 -8.57 -17.51 -11.42
CA CYS A 135 -8.77 -18.00 -10.06
C CYS A 135 -9.27 -16.86 -9.17
N ASN A 136 -9.84 -17.21 -8.02
CA ASN A 136 -10.35 -16.23 -7.06
C ASN A 136 -10.63 -16.95 -5.75
N PHE A 137 -10.40 -16.27 -4.63
CA PHE A 137 -10.95 -16.71 -3.35
C PHE A 137 -12.41 -16.25 -3.20
N ASN A 138 -13.18 -16.98 -2.39
CA ASN A 138 -14.50 -16.51 -1.99
C ASN A 138 -14.33 -15.51 -0.85
N PRO A 139 -15.37 -14.74 -0.52
CA PRO A 139 -15.21 -13.70 0.53
C PRO A 139 -14.72 -14.26 1.87
N GLN A 140 -15.28 -15.37 2.35
CA GLN A 140 -14.75 -15.97 3.57
C GLN A 140 -13.30 -16.42 3.39
N SER A 141 -12.93 -16.83 2.16
CA SER A 141 -11.60 -17.31 1.77
C SER A 141 -11.27 -18.69 2.31
N ASN A 142 -12.29 -19.51 2.58
CA ASN A 142 -12.09 -20.93 2.80
C ASN A 142 -12.09 -21.71 1.50
N LEU A 143 -12.49 -21.09 0.39
CA LEU A 143 -12.59 -21.74 -0.91
C LEU A 143 -11.83 -20.94 -1.97
N ILE A 144 -11.37 -21.66 -2.99
CA ILE A 144 -10.83 -21.06 -4.21
C ILE A 144 -11.61 -21.66 -5.37
N VAL A 145 -11.81 -20.86 -6.42
CA VAL A 145 -12.41 -21.32 -7.67
C VAL A 145 -11.40 -21.06 -8.78
N SER A 146 -11.30 -22.03 -9.72
CA SER A 146 -10.39 -21.96 -10.84
C SER A 146 -11.12 -22.22 -12.15
N GLY A 147 -10.54 -21.70 -13.22
CA GLY A 147 -11.03 -21.96 -14.56
C GLY A 147 -9.87 -22.34 -15.44
N SER A 148 -10.14 -23.25 -16.37
CA SER A 148 -9.03 -23.85 -17.09
C SER A 148 -9.33 -24.03 -18.57
N PHE A 149 -8.24 -24.17 -19.33
CA PHE A 149 -8.34 -24.58 -20.71
C PHE A 149 -9.01 -25.94 -20.84
N ASP A 150 -9.06 -26.72 -19.77
CA ASP A 150 -9.71 -28.02 -19.80
C ASP A 150 -11.23 -27.92 -19.75
N GLU A 151 -11.77 -26.70 -19.87
CA GLU A 151 -13.18 -26.39 -19.97
C GLU A 151 -13.92 -26.54 -18.64
N SER A 152 -13.21 -26.77 -17.54
CA SER A 152 -13.81 -27.06 -16.26
C SER A 152 -13.60 -25.91 -15.30
N VAL A 153 -14.47 -25.86 -14.31
CA VAL A 153 -14.36 -24.96 -13.17
C VAL A 153 -14.23 -25.85 -11.95
N ARG A 154 -13.22 -25.59 -11.11
CA ARG A 154 -13.04 -26.39 -9.90
C ARG A 154 -13.17 -25.50 -8.68
N ILE A 155 -13.70 -26.08 -7.60
CA ILE A 155 -13.78 -25.41 -6.31
C ILE A 155 -12.88 -26.16 -5.33
N TRP A 156 -11.98 -25.43 -4.67
CA TRP A 156 -10.92 -26.01 -3.84
C TRP A 156 -11.06 -25.55 -2.39
N ASP A 157 -10.72 -26.43 -1.47
CA ASP A 157 -10.66 -26.10 -0.06
C ASP A 157 -9.29 -25.51 0.25
N VAL A 158 -9.27 -24.27 0.76
CA VAL A 158 -8.01 -23.57 1.00
C VAL A 158 -7.13 -24.34 1.98
N LYS A 159 -7.74 -24.92 3.02
CA LYS A 159 -6.98 -25.46 4.14
C LYS A 159 -6.31 -26.78 3.80
N THR A 160 -6.97 -27.63 3.01
CA THR A 160 -6.44 -28.93 2.65
C THR A 160 -5.76 -28.96 1.30
N GLY A 161 -6.05 -27.99 0.44
CA GLY A 161 -5.59 -28.03 -0.93
C GLY A 161 -6.24 -29.10 -1.79
N LYS A 162 -7.37 -29.65 -1.37
CA LYS A 162 -8.06 -30.68 -2.13
C LYS A 162 -9.18 -30.07 -2.97
N CYS A 163 -9.44 -30.70 -4.11
CA CYS A 163 -10.56 -30.30 -4.95
C CYS A 163 -11.87 -30.78 -4.33
N LEU A 164 -12.79 -29.85 -4.06
CA LEU A 164 -14.09 -30.25 -3.54
C LEU A 164 -15.08 -30.66 -4.64
N LYS A 165 -15.13 -29.91 -5.75
CA LYS A 165 -16.03 -30.18 -6.86
C LYS A 165 -15.35 -29.82 -8.17
N THR A 166 -15.58 -30.64 -9.20
CA THR A 166 -15.24 -30.31 -10.58
C THR A 166 -16.54 -30.08 -11.34
N LEU A 167 -16.74 -28.84 -11.87
CA LEU A 167 -17.94 -28.49 -12.62
C LEU A 167 -17.68 -28.64 -14.12
N PRO A 168 -18.51 -29.36 -14.85
CA PRO A 168 -18.33 -29.46 -16.32
C PRO A 168 -18.87 -28.20 -16.98
N ALA A 169 -18.14 -27.10 -16.78
CA ALA A 169 -18.80 -25.79 -16.83
C ALA A 169 -19.07 -25.33 -18.25
N HIS A 170 -18.23 -25.75 -19.19
CA HIS A 170 -18.19 -25.10 -20.50
C HIS A 170 -17.68 -26.11 -21.53
N SER A 171 -17.78 -25.72 -22.80
CA SER A 171 -17.31 -26.56 -23.88
C SER A 171 -16.10 -25.96 -24.60
N ASP A 172 -15.48 -24.97 -23.99
CA ASP A 172 -14.23 -24.43 -24.50
C ASP A 172 -13.50 -23.86 -23.31
N PRO A 173 -12.29 -23.32 -23.47
CA PRO A 173 -11.55 -22.78 -22.33
C PRO A 173 -12.32 -21.72 -21.54
N VAL A 174 -12.18 -21.81 -20.22
CA VAL A 174 -12.83 -20.91 -19.27
C VAL A 174 -11.91 -19.72 -19.04
N SER A 175 -12.43 -18.52 -19.31
CA SER A 175 -11.67 -17.27 -19.27
C SER A 175 -11.73 -16.54 -17.93
N ALA A 176 -12.80 -16.73 -17.16
CA ALA A 176 -12.91 -16.02 -15.89
C ALA A 176 -13.83 -16.79 -14.94
N VAL A 177 -13.49 -16.75 -13.65
CA VAL A 177 -14.34 -17.30 -12.59
C VAL A 177 -14.39 -16.24 -11.48
N HIS A 178 -15.56 -16.04 -10.89
CA HIS A 178 -15.68 -15.03 -9.85
C HIS A 178 -16.80 -15.41 -8.90
N PHE A 179 -16.59 -15.18 -7.60
CA PHE A 179 -17.64 -15.38 -6.61
C PHE A 179 -18.40 -14.08 -6.43
N ASN A 180 -19.68 -14.19 -6.06
CA ASN A 180 -20.50 -13.02 -5.76
C ASN A 180 -20.18 -12.56 -4.33
N ARG A 181 -20.94 -11.56 -3.84
CA ARG A 181 -20.55 -10.79 -2.66
C ARG A 181 -20.43 -11.65 -1.38
N ASP A 182 -21.21 -12.71 -1.25
CA ASP A 182 -21.14 -13.58 -0.07
C ASP A 182 -20.62 -14.98 -0.38
N GLY A 183 -20.22 -15.24 -1.62
CA GLY A 183 -19.68 -16.53 -2.03
C GLY A 183 -20.70 -17.59 -2.39
N SER A 184 -21.97 -17.23 -2.43
CA SER A 184 -23.06 -18.18 -2.64
C SER A 184 -23.25 -18.53 -4.11
N LEU A 185 -22.64 -17.75 -5.00
CA LEU A 185 -22.70 -17.95 -6.44
C LEU A 185 -21.32 -17.78 -7.05
N ILE A 186 -21.09 -18.53 -8.12
CA ILE A 186 -19.93 -18.39 -9.00
C ILE A 186 -20.43 -18.05 -10.38
N VAL A 187 -19.76 -17.10 -11.03
CA VAL A 187 -20.04 -16.78 -12.43
C VAL A 187 -18.81 -17.16 -13.24
N SER A 188 -19.04 -17.76 -14.41
CA SER A 188 -17.94 -18.18 -15.27
C SER A 188 -18.24 -17.78 -16.70
N SER A 189 -17.16 -17.63 -17.49
CA SER A 189 -17.24 -17.28 -18.91
C SER A 189 -16.30 -18.19 -19.71
N SER A 190 -16.61 -18.33 -21.00
CA SER A 190 -15.81 -19.23 -21.83
C SER A 190 -15.79 -18.74 -23.27
N TYR A 191 -14.77 -19.18 -24.00
CA TYR A 191 -14.78 -19.00 -25.44
C TYR A 191 -15.99 -19.69 -26.08
N ASP A 192 -16.69 -20.56 -25.36
CA ASP A 192 -17.88 -21.18 -25.92
C ASP A 192 -19.01 -20.20 -26.16
N GLY A 193 -18.87 -18.95 -25.71
CA GLY A 193 -19.85 -17.91 -25.95
C GLY A 193 -20.80 -17.71 -24.80
N LEU A 194 -20.65 -18.45 -23.72
CA LEU A 194 -21.62 -18.47 -22.64
C LEU A 194 -21.08 -17.84 -21.38
N CYS A 195 -22.01 -17.30 -20.60
CA CYS A 195 -21.80 -16.92 -19.22
CA CYS A 195 -21.76 -16.94 -19.22
C CYS A 195 -22.72 -17.79 -18.37
N ARG A 196 -22.17 -18.46 -17.36
CA ARG A 196 -22.98 -19.33 -16.50
C ARG A 196 -22.81 -18.96 -15.04
N ILE A 197 -23.89 -19.16 -14.28
CA ILE A 197 -23.93 -18.83 -12.86
C ILE A 197 -24.23 -20.10 -12.10
N TRP A 198 -23.42 -20.38 -11.08
CA TRP A 198 -23.43 -21.65 -10.38
C TRP A 198 -23.73 -21.45 -8.91
N ASP A 199 -24.49 -22.39 -8.33
CA ASP A 199 -24.71 -22.46 -6.89
C ASP A 199 -23.46 -23.07 -6.27
N THR A 200 -22.75 -22.30 -5.44
CA THR A 200 -21.47 -22.75 -4.88
C THR A 200 -21.64 -24.04 -4.09
N ALA A 201 -22.66 -24.11 -3.23
CA ALA A 201 -22.79 -25.26 -2.34
C ALA A 201 -23.02 -26.56 -3.12
N SER A 202 -23.85 -26.53 -4.15
CA SER A 202 -24.24 -27.73 -4.89
C SER A 202 -23.50 -27.92 -6.20
N GLY A 203 -23.02 -26.84 -6.81
CA GLY A 203 -22.48 -26.90 -8.16
C GLY A 203 -23.50 -26.90 -9.27
N GLN A 204 -24.76 -26.67 -8.91
CA GLN A 204 -25.85 -26.64 -9.92
C GLN A 204 -25.75 -25.38 -10.78
N CYS A 205 -25.86 -25.53 -12.09
CA CYS A 205 -25.94 -24.34 -12.94
C CYS A 205 -27.31 -23.69 -12.78
N LEU A 206 -27.33 -22.48 -12.21
CA LEU A 206 -28.60 -21.77 -12.05
C LEU A 206 -29.00 -20.96 -13.26
N LYS A 207 -28.04 -20.60 -14.11
CA LYS A 207 -28.42 -19.73 -15.24
C LYS A 207 -27.37 -19.67 -16.33
N THR A 208 -27.80 -19.85 -17.57
CA THR A 208 -26.93 -19.58 -18.70
C THR A 208 -27.42 -18.31 -19.39
N LEU A 209 -26.51 -17.35 -19.53
CA LEU A 209 -26.72 -16.13 -20.27
C LEU A 209 -26.22 -16.35 -21.69
N ILE A 210 -27.07 -16.07 -22.67
CA ILE A 210 -26.61 -16.11 -24.05
C ILE A 210 -27.42 -15.09 -24.83
N ASP A 211 -26.74 -14.33 -25.69
CA ASP A 211 -27.42 -13.46 -26.64
C ASP A 211 -27.73 -14.25 -27.91
N ASP A 212 -28.49 -13.63 -28.82
CA ASP A 212 -28.72 -14.26 -30.12
C ASP A 212 -27.40 -14.59 -30.81
N ASP A 213 -26.35 -13.84 -30.50
CA ASP A 213 -25.02 -14.10 -31.02
C ASP A 213 -24.10 -14.56 -29.89
N ASN A 214 -23.15 -15.43 -30.24
CA ASN A 214 -22.31 -16.13 -29.26
C ASN A 214 -20.81 -15.88 -29.48
N PRO A 215 -20.37 -14.63 -29.49
CA PRO A 215 -18.93 -14.37 -29.56
C PRO A 215 -18.24 -14.87 -28.28
N PRO A 216 -16.96 -15.21 -28.36
CA PRO A 216 -16.27 -15.68 -27.15
C PRO A 216 -16.38 -14.64 -26.03
N VAL A 217 -16.71 -15.10 -24.84
CA VAL A 217 -16.77 -14.26 -23.65
C VAL A 217 -15.39 -14.32 -23.00
N SER A 218 -14.72 -13.19 -22.91
CA SER A 218 -13.31 -13.20 -22.51
C SER A 218 -13.12 -12.76 -21.08
N PHE A 219 -14.23 -12.37 -20.43
CA PHE A 219 -14.18 -11.88 -19.04
C PHE A 219 -15.59 -11.90 -18.45
N VAL A 220 -15.67 -12.04 -17.20
N VAL A 220 -15.70 -12.09 -17.21
CA VAL A 220 -16.93 -11.83 -16.50
CA VAL A 220 -16.96 -11.86 -16.50
C VAL A 220 -16.62 -11.64 -15.02
C VAL A 220 -16.63 -11.64 -15.02
N LYS A 221 -17.44 -10.76 -14.48
CA LYS A 221 -17.35 -10.56 -13.00
C LYS A 221 -18.66 -10.01 -12.43
N PHE A 222 -18.90 -10.23 -11.14
CA PHE A 222 -20.06 -9.65 -10.49
C PHE A 222 -19.80 -8.18 -10.15
N SER A 223 -20.87 -7.39 -10.16
CA SER A 223 -20.81 -6.07 -9.56
C SER A 223 -20.59 -6.21 -8.06
N PRO A 224 -20.08 -5.17 -7.41
CA PRO A 224 -19.85 -5.25 -5.94
C PRO A 224 -21.07 -5.65 -5.13
N ASN A 225 -22.27 -5.24 -5.53
CA ASN A 225 -23.46 -5.65 -4.82
C ASN A 225 -24.02 -6.98 -5.31
N GLY A 226 -23.39 -7.61 -6.29
CA GLY A 226 -23.73 -8.96 -6.69
C GLY A 226 -24.97 -9.07 -7.54
N LYS A 227 -25.67 -7.98 -7.78
CA LYS A 227 -26.91 -8.02 -8.54
C LYS A 227 -26.68 -7.95 -10.04
N TYR A 228 -25.54 -7.42 -10.48
CA TYR A 228 -25.25 -7.30 -11.89
C TYR A 228 -24.01 -8.08 -12.27
N ILE A 229 -23.78 -8.16 -13.57
CA ILE A 229 -22.67 -8.91 -14.11
C ILE A 229 -22.10 -8.12 -15.27
N LEU A 230 -20.79 -7.90 -15.25
CA LEU A 230 -20.07 -7.24 -16.34
C LEU A 230 -19.36 -8.32 -17.18
N ALA A 231 -19.59 -8.31 -18.49
CA ALA A 231 -19.05 -9.37 -19.33
C ALA A 231 -18.43 -8.77 -20.59
N ALA A 232 -17.24 -9.26 -20.96
CA ALA A 232 -16.57 -8.81 -22.17
C ALA A 232 -16.61 -9.92 -23.22
N THR A 233 -16.85 -9.53 -24.46
CA THR A 233 -16.87 -10.47 -25.57
C THR A 233 -15.90 -9.99 -26.65
N LEU A 234 -15.36 -10.94 -27.43
CA LEU A 234 -14.30 -10.65 -28.41
C LEU A 234 -14.82 -10.04 -29.71
N ASP A 235 -15.82 -9.18 -29.59
CA ASP A 235 -16.29 -8.29 -30.65
C ASP A 235 -16.21 -6.83 -30.21
N ASN A 236 -15.20 -6.49 -29.40
CA ASN A 236 -14.95 -5.12 -28.98
C ASN A 236 -16.12 -4.54 -28.17
N THR A 237 -16.67 -5.35 -27.26
CA THR A 237 -17.87 -4.95 -26.53
C THR A 237 -17.80 -5.44 -25.09
N LEU A 238 -18.21 -4.56 -24.18
CA LEU A 238 -18.47 -4.88 -22.78
C LEU A 238 -19.96 -4.74 -22.53
N LYS A 239 -20.50 -5.58 -21.65
CA LYS A 239 -21.93 -5.55 -21.38
C LYS A 239 -22.21 -5.76 -19.90
N LEU A 240 -23.14 -4.97 -19.37
CA LEU A 240 -23.60 -5.09 -18.00
C LEU A 240 -24.93 -5.82 -18.00
N TRP A 241 -25.00 -6.95 -17.32
CA TRP A 241 -26.17 -7.80 -17.32
C TRP A 241 -26.85 -7.75 -15.96
N ASP A 242 -28.17 -7.58 -15.97
CA ASP A 242 -29.00 -7.87 -14.81
C ASP A 242 -29.33 -9.35 -14.91
N TYR A 243 -28.67 -10.18 -14.11
CA TYR A 243 -28.90 -11.60 -14.24
C TYR A 243 -30.04 -12.10 -13.36
N SER A 244 -30.61 -11.26 -12.50
CA SER A 244 -31.86 -11.71 -11.82
C SER A 244 -32.90 -11.83 -12.94
N LYS A 245 -32.94 -10.87 -13.84
CA LYS A 245 -33.86 -10.88 -14.98
C LYS A 245 -33.19 -11.31 -16.27
N GLY A 246 -31.89 -11.63 -16.24
CA GLY A 246 -31.19 -12.12 -17.43
C GLY A 246 -31.14 -11.15 -18.59
N LYS A 247 -31.07 -9.84 -18.32
CA LYS A 247 -31.23 -8.79 -19.31
C LYS A 247 -29.97 -7.95 -19.39
N CYS A 248 -29.56 -7.60 -20.62
CA CYS A 248 -28.44 -6.68 -20.83
C CYS A 248 -28.93 -5.25 -20.67
N LEU A 249 -28.30 -4.49 -19.77
CA LEU A 249 -28.71 -3.12 -19.47
C LEU A 249 -27.83 -2.07 -20.11
N LYS A 250 -26.53 -2.30 -20.21
CA LYS A 250 -25.60 -1.34 -20.77
C LYS A 250 -24.61 -2.05 -21.68
N THR A 251 -24.21 -1.35 -22.73
CA THR A 251 -23.17 -1.82 -23.64
C THR A 251 -22.12 -0.72 -23.75
N TYR A 252 -20.85 -1.09 -23.61
CA TYR A 252 -19.74 -0.14 -23.65
C TYR A 252 -18.83 -0.48 -24.81
N THR A 253 -18.58 0.51 -25.66
CA THR A 253 -17.81 0.30 -26.88
C THR A 253 -16.80 1.43 -27.08
N GLY A 254 -16.03 1.31 -28.17
CA GLY A 254 -15.00 2.26 -28.51
C GLY A 254 -13.60 1.71 -28.36
N HIS A 255 -13.42 0.70 -27.52
CA HIS A 255 -12.12 0.08 -27.28
C HIS A 255 -11.88 -1.01 -28.32
N LYS A 256 -10.74 -1.69 -28.20
CA LYS A 256 -10.37 -2.77 -29.10
C LYS A 256 -10.16 -4.02 -28.27
N ASN A 257 -10.96 -5.05 -28.55
CA ASN A 257 -10.85 -6.31 -27.81
C ASN A 257 -11.41 -7.43 -28.72
N GLU A 258 -10.53 -8.05 -29.49
CA GLU A 258 -10.91 -9.15 -30.36
C GLU A 258 -10.09 -10.40 -30.13
N LYS A 259 -9.04 -10.35 -29.35
CA LYS A 259 -8.15 -11.50 -29.27
C LYS A 259 -7.82 -11.90 -27.85
N TYR A 260 -7.70 -10.94 -26.92
CA TYR A 260 -7.16 -11.21 -25.60
C TYR A 260 -8.24 -11.24 -24.52
N CYS A 261 -7.96 -11.98 -23.46
CA CYS A 261 -8.82 -12.03 -22.29
C CYS A 261 -8.37 -10.94 -21.34
N ILE A 262 -9.05 -9.81 -21.39
CA ILE A 262 -8.68 -8.58 -20.70
C ILE A 262 -9.62 -8.44 -19.51
N PHE A 263 -9.03 -8.07 -18.37
CA PHE A 263 -9.76 -7.84 -17.13
C PHE A 263 -10.40 -6.46 -17.11
N ALA A 264 -11.66 -6.39 -16.73
CA ALA A 264 -12.34 -5.11 -16.53
C ALA A 264 -12.81 -5.00 -15.08
N ASN A 265 -13.26 -3.82 -14.71
CA ASN A 265 -13.59 -3.57 -13.32
C ASN A 265 -14.73 -2.58 -13.20
N PHE A 266 -15.43 -2.66 -12.08
CA PHE A 266 -16.23 -1.56 -11.58
C PHE A 266 -15.31 -0.70 -10.73
N SER A 267 -15.32 0.61 -10.96
CA SER A 267 -14.64 1.57 -10.12
C SER A 267 -15.71 2.28 -9.32
N VAL A 268 -15.62 2.22 -7.99
CA VAL A 268 -16.68 2.70 -7.12
C VAL A 268 -16.20 3.68 -6.07
N THR A 269 -14.90 3.99 -6.02
CA THR A 269 -14.38 4.82 -4.94
C THR A 269 -14.73 6.30 -5.09
N GLY A 270 -14.86 6.78 -6.32
CA GLY A 270 -15.33 8.13 -6.55
C GLY A 270 -16.46 8.10 -7.55
N GLY A 271 -16.20 8.48 -8.79
CA GLY A 271 -17.21 8.30 -9.80
C GLY A 271 -17.49 6.83 -10.05
N LYS A 272 -18.69 6.54 -10.53
CA LYS A 272 -19.05 5.18 -10.87
C LYS A 272 -18.68 4.98 -12.33
N TRP A 273 -17.56 4.28 -12.56
CA TRP A 273 -17.05 4.04 -13.89
C TRP A 273 -16.95 2.55 -14.16
N ILE A 274 -16.78 2.25 -15.43
CA ILE A 274 -16.32 0.96 -15.90
C ILE A 274 -14.91 1.19 -16.46
N VAL A 275 -13.98 0.29 -16.13
CA VAL A 275 -12.58 0.41 -16.50
C VAL A 275 -12.15 -0.88 -17.17
N SER A 276 -11.46 -0.79 -18.31
CA SER A 276 -10.95 -1.98 -18.96
C SER A 276 -9.66 -1.66 -19.69
N GLY A 277 -8.85 -2.69 -19.90
CA GLY A 277 -7.78 -2.57 -20.85
C GLY A 277 -8.30 -2.64 -22.28
N SER A 278 -7.38 -2.52 -23.23
CA SER A 278 -7.73 -2.46 -24.65
C SER A 278 -6.52 -2.90 -25.45
N GLU A 279 -6.79 -3.43 -26.64
CA GLU A 279 -5.74 -3.91 -27.53
C GLU A 279 -5.10 -2.81 -28.38
N ASP A 280 -5.46 -1.55 -28.15
CA ASP A 280 -4.75 -0.42 -28.72
C ASP A 280 -3.85 0.25 -27.67
N ASN A 281 -3.48 -0.50 -26.63
CA ASN A 281 -2.53 -0.07 -25.62
C ASN A 281 -3.06 1.04 -24.73
N LEU A 282 -4.37 1.17 -24.59
CA LEU A 282 -4.97 2.20 -23.76
C LEU A 282 -5.85 1.59 -22.67
N VAL A 283 -5.92 2.30 -21.54
CA VAL A 283 -6.93 2.06 -20.53
C VAL A 283 -8.14 2.92 -20.85
N TYR A 284 -9.29 2.27 -21.02
CA TYR A 284 -10.55 2.95 -21.25
C TYR A 284 -11.31 3.08 -19.94
N ILE A 285 -11.95 4.22 -19.75
CA ILE A 285 -12.84 4.46 -18.61
C ILE A 285 -14.14 4.99 -19.16
N TRP A 286 -15.25 4.33 -18.78
CA TRP A 286 -16.60 4.70 -19.19
C TRP A 286 -17.44 5.16 -18.00
N ASN A 287 -18.34 6.11 -18.26
CA ASN A 287 -19.42 6.37 -17.32
C ASN A 287 -20.38 5.19 -17.34
N LEU A 288 -20.55 4.52 -16.19
CA LEU A 288 -21.39 3.33 -16.12
C LEU A 288 -22.81 3.58 -16.63
N GLN A 289 -23.40 4.72 -16.27
CA GLN A 289 -24.81 4.95 -16.57
C GLN A 289 -25.02 5.50 -17.97
N THR A 290 -24.17 6.41 -18.43
CA THR A 290 -24.38 6.99 -19.75
C THR A 290 -23.63 6.25 -20.84
N LYS A 291 -22.73 5.34 -20.47
CA LYS A 291 -21.87 4.57 -21.38
C LYS A 291 -20.89 5.45 -22.15
N GLU A 292 -20.72 6.71 -21.76
CA GLU A 292 -19.81 7.59 -22.48
C GLU A 292 -18.38 7.35 -22.02
N ILE A 293 -17.45 7.30 -22.99
CA ILE A 293 -16.03 7.23 -22.68
C ILE A 293 -15.64 8.53 -21.99
N VAL A 294 -15.17 8.44 -20.74
CA VAL A 294 -14.81 9.63 -19.98
C VAL A 294 -13.31 9.86 -19.89
N GLN A 295 -12.49 8.84 -20.08
CA GLN A 295 -11.05 9.08 -20.15
C GLN A 295 -10.38 7.87 -20.79
N LYS A 296 -9.27 8.14 -21.48
CA LYS A 296 -8.43 7.13 -22.07
C LYS A 296 -7.01 7.36 -21.55
N LEU A 297 -6.36 6.33 -21.01
CA LEU A 297 -5.06 6.51 -20.38
C LEU A 297 -3.97 5.99 -21.31
N GLN A 298 -3.14 6.91 -21.79
CA GLN A 298 -2.11 6.59 -22.76
C GLN A 298 -0.76 6.48 -22.07
N GLY A 299 0.01 5.47 -22.46
CA GLY A 299 1.34 5.32 -21.91
C GLY A 299 1.95 3.96 -22.16
N HIS A 300 1.15 2.90 -22.09
CA HIS A 300 1.64 1.56 -22.34
C HIS A 300 2.00 1.39 -23.81
N THR A 301 2.94 0.48 -24.08
CA THR A 301 3.37 0.24 -25.45
C THR A 301 2.97 -1.15 -25.94
N ASP A 302 2.03 -1.80 -25.26
CA ASP A 302 1.49 -3.07 -25.74
C ASP A 302 0.08 -3.19 -25.19
N VAL A 303 -0.59 -4.29 -25.56
CA VAL A 303 -1.95 -4.54 -25.13
C VAL A 303 -2.05 -4.42 -23.62
N VAL A 304 -3.02 -3.63 -23.16
CA VAL A 304 -3.26 -3.48 -21.74
C VAL A 304 -4.14 -4.66 -21.29
N ILE A 305 -3.51 -5.69 -20.69
CA ILE A 305 -4.22 -6.95 -20.50
C ILE A 305 -5.05 -6.90 -19.24
N SER A 306 -4.61 -6.15 -18.23
CA SER A 306 -5.24 -6.21 -16.92
C SER A 306 -5.35 -4.81 -16.36
N THR A 307 -6.45 -4.53 -15.70
CA THR A 307 -6.61 -3.33 -14.89
C THR A 307 -7.17 -3.75 -13.54
N ALA A 308 -6.77 -3.03 -12.50
CA ALA A 308 -7.38 -3.21 -11.19
C ALA A 308 -7.73 -1.84 -10.61
N CYS A 309 -8.81 -1.79 -9.85
CA CYS A 309 -9.22 -0.58 -9.16
C CYS A 309 -9.00 -0.72 -7.66
N HIS A 310 -8.43 0.34 -7.05
CA HIS A 310 -8.05 0.29 -5.65
C HIS A 310 -9.30 0.24 -4.77
N PRO A 311 -9.27 -0.51 -3.67
CA PRO A 311 -10.49 -0.67 -2.86
C PRO A 311 -10.98 0.61 -2.18
N THR A 312 -10.11 1.58 -1.90
CA THR A 312 -10.63 2.78 -1.23
C THR A 312 -10.27 4.08 -1.93
N GLU A 313 -9.14 4.12 -2.63
CA GLU A 313 -8.64 5.33 -3.27
C GLU A 313 -8.88 5.26 -4.77
N ASN A 314 -9.06 6.43 -5.39
CA ASN A 314 -9.20 6.51 -6.84
C ASN A 314 -7.87 6.21 -7.51
N ILE A 315 -7.45 4.94 -7.48
CA ILE A 315 -6.17 4.50 -8.02
C ILE A 315 -6.43 3.31 -8.93
N ILE A 316 -5.84 3.35 -10.13
CA ILE A 316 -5.92 2.28 -11.09
C ILE A 316 -4.50 1.75 -11.32
N ALA A 317 -4.37 0.42 -11.35
CA ALA A 317 -3.17 -0.25 -11.86
C ALA A 317 -3.50 -0.83 -13.21
N SER A 318 -2.63 -0.57 -14.19
CA SER A 318 -2.76 -1.19 -15.51
C SER A 318 -1.49 -1.99 -15.81
N ALA A 319 -1.62 -3.00 -16.67
CA ALA A 319 -0.46 -3.83 -16.99
C ALA A 319 -0.58 -4.33 -18.42
N ALA A 320 0.60 -4.49 -19.05
CA ALA A 320 0.61 -4.77 -20.50
C ALA A 320 1.45 -5.99 -20.91
N LEU A 321 1.30 -6.40 -22.18
CA LEU A 321 1.97 -7.58 -22.70
C LEU A 321 3.46 -7.35 -23.00
N GLU A 322 4.09 -8.23 -23.78
CA GLU A 322 5.55 -8.39 -23.70
C GLU A 322 6.35 -7.30 -24.43
N ASN A 323 5.74 -6.45 -25.25
CA ASN A 323 6.50 -5.32 -25.76
C ASN A 323 6.64 -4.23 -24.71
N ASP A 324 6.01 -4.43 -23.56
CA ASP A 324 5.96 -3.37 -22.53
C ASP A 324 6.50 -3.95 -21.22
N LYS A 325 5.81 -4.93 -20.63
CA LYS A 325 6.28 -5.66 -19.46
C LYS A 325 6.19 -4.85 -18.17
N THR A 326 5.52 -3.71 -18.19
CA THR A 326 5.42 -2.87 -17.00
C THR A 326 3.99 -2.77 -16.51
N ILE A 327 3.90 -2.39 -15.25
CA ILE A 327 2.66 -2.03 -14.58
C ILE A 327 2.70 -0.52 -14.40
N LYS A 328 1.55 0.13 -14.53
CA LYS A 328 1.46 1.56 -14.26
C LYS A 328 0.41 1.80 -13.19
N LEU A 329 0.73 2.67 -12.22
CA LEU A 329 -0.22 3.15 -11.23
C LEU A 329 -0.66 4.55 -11.62
N TRP A 330 -1.98 4.76 -11.64
CA TRP A 330 -2.60 6.04 -11.97
C TRP A 330 -3.46 6.52 -10.82
N LYS A 331 -3.63 7.84 -10.70
CA LYS A 331 -4.45 8.38 -9.64
C LYS A 331 -5.26 9.58 -10.12
N SER A 332 -6.53 9.64 -9.68
CA SER A 332 -7.47 10.68 -10.05
C SER A 332 -8.06 11.31 -8.79
N ASP A 333 -8.60 12.51 -8.97
CA ASP A 333 -9.30 13.23 -7.90
C ASP A 333 -10.75 12.78 -7.72
N CYS A 334 -11.31 12.02 -8.68
CA CYS A 334 -12.65 11.48 -8.53
C CYS A 334 -12.78 10.21 -9.37
N VAL B 31 27.06 -10.72 13.03
CA VAL B 31 26.72 -9.90 11.87
C VAL B 31 26.30 -8.49 12.30
N LYS B 32 27.18 -7.58 11.92
CA LYS B 32 26.98 -6.19 12.35
C LYS B 32 27.05 -5.23 11.15
N PRO B 33 26.33 -4.07 11.13
CA PRO B 33 26.50 -3.07 10.08
C PRO B 33 27.82 -2.34 10.24
N ASN B 34 28.19 -1.59 9.21
CA ASN B 34 29.42 -0.81 9.20
C ASN B 34 29.15 0.57 8.61
N TYR B 35 28.12 1.23 9.16
CA TYR B 35 27.75 2.58 8.74
C TYR B 35 28.94 3.53 8.90
N ALA B 36 29.25 4.24 7.82
CA ALA B 36 30.36 5.18 7.80
C ALA B 36 29.82 6.52 7.32
N LEU B 37 30.37 7.60 7.88
CA LEU B 37 29.93 8.94 7.52
C LEU B 37 30.23 9.23 6.06
N LYS B 38 29.27 9.79 5.35
CA LYS B 38 29.53 10.20 3.98
C LYS B 38 29.38 11.68 3.76
N PHE B 39 28.48 12.35 4.47
CA PHE B 39 28.26 13.77 4.32
C PHE B 39 27.80 14.35 5.64
N THR B 40 28.11 15.63 5.85
CA THR B 40 27.54 16.44 6.91
C THR B 40 26.79 17.61 6.27
N LEU B 41 25.52 17.77 6.63
CA LEU B 41 24.63 18.71 5.96
C LEU B 41 24.44 19.92 6.88
N ALA B 42 24.99 21.06 6.48
CA ALA B 42 24.96 22.25 7.32
C ALA B 42 24.05 23.32 6.71
N GLY B 43 23.36 24.05 7.58
CA GLY B 43 22.55 25.16 7.09
C GLY B 43 21.50 25.67 8.05
N HIS B 44 20.93 24.77 8.86
CA HIS B 44 19.99 25.20 9.88
C HIS B 44 20.73 26.06 10.90
N THR B 45 20.02 27.07 11.44
CA THR B 45 20.61 28.03 12.38
C THR B 45 20.11 27.82 13.80
N LYS B 46 19.28 26.80 14.05
CA LYS B 46 18.90 26.36 15.39
C LYS B 46 18.90 24.85 15.39
N ALA B 47 18.48 24.25 16.51
CA ALA B 47 18.38 22.80 16.60
C ALA B 47 17.56 22.22 15.44
N VAL B 48 18.10 21.17 14.80
CA VAL B 48 17.28 20.36 13.92
C VAL B 48 16.36 19.52 14.78
N SER B 49 15.11 19.33 14.33
CA SER B 49 14.14 18.57 15.11
C SER B 49 13.77 17.25 14.48
N SER B 50 13.91 17.10 13.16
CA SER B 50 13.38 15.91 12.54
C SER B 50 13.91 15.82 11.13
N VAL B 51 14.32 14.63 10.70
CA VAL B 51 14.71 14.37 9.32
C VAL B 51 13.96 13.14 8.83
N LYS B 52 13.55 13.17 7.57
CA LYS B 52 12.77 12.09 6.96
C LYS B 52 13.18 11.91 5.50
N PHE B 53 13.40 10.66 5.10
CA PHE B 53 13.65 10.37 3.69
C PHE B 53 12.33 10.33 2.91
N SER B 54 12.38 10.84 1.68
CA SER B 54 11.22 10.77 0.80
C SER B 54 10.97 9.30 0.44
N PRO B 55 9.70 8.92 0.27
CA PRO B 55 9.42 7.52 -0.04
C PRO B 55 10.10 7.07 -1.32
N ASN B 56 10.22 7.94 -2.32
CA ASN B 56 10.96 7.56 -3.52
C ASN B 56 12.46 7.57 -3.32
N GLY B 57 12.95 7.89 -2.12
CA GLY B 57 14.36 7.77 -1.80
C GLY B 57 15.25 8.89 -2.32
N GLU B 58 14.69 9.87 -3.03
CA GLU B 58 15.51 10.84 -3.72
C GLU B 58 15.96 11.97 -2.82
N TRP B 59 15.21 12.25 -1.74
CA TRP B 59 15.37 13.44 -0.95
C TRP B 59 15.39 13.13 0.54
N LEU B 60 16.04 14.02 1.28
CA LEU B 60 15.92 14.12 2.72
C LEU B 60 15.30 15.48 3.05
N ALA B 61 14.26 15.46 3.87
CA ALA B 61 13.67 16.68 4.41
C ALA B 61 14.07 16.83 5.88
N SER B 62 14.30 18.06 6.29
CA SER B 62 14.63 18.34 7.68
C SER B 62 13.82 19.53 8.15
N SER B 63 13.42 19.47 9.43
CA SER B 63 12.73 20.54 10.12
C SER B 63 13.61 21.03 11.26
N SER B 64 13.41 22.28 11.68
CA SER B 64 14.29 22.85 12.69
C SER B 64 13.50 23.85 13.53
N ALA B 65 14.08 24.22 14.66
CA ALA B 65 13.59 25.31 15.50
C ALA B 65 13.69 26.66 14.82
N ASP B 66 14.44 26.78 13.73
CA ASP B 66 14.64 28.03 13.01
C ASP B 66 13.47 28.37 12.09
N LYS B 67 12.37 27.62 12.19
CA LYS B 67 11.11 27.80 11.47
C LYS B 67 11.18 27.32 10.03
N LEU B 68 12.23 26.62 9.61
CA LEU B 68 12.41 26.32 8.20
C LEU B 68 12.41 24.82 7.97
N ILE B 69 11.98 24.43 6.78
CA ILE B 69 12.19 23.09 6.26
C ILE B 69 13.27 23.20 5.20
N LYS B 70 14.17 22.23 5.15
CA LYS B 70 15.16 22.19 4.09
C LYS B 70 15.14 20.83 3.41
N ILE B 71 15.34 20.82 2.10
CA ILE B 71 15.34 19.61 1.29
C ILE B 71 16.77 19.35 0.81
N TRP B 72 17.21 18.10 0.91
CA TRP B 72 18.57 17.72 0.58
C TRP B 72 18.58 16.48 -0.31
N GLY B 73 19.54 16.44 -1.23
CA GLY B 73 19.75 15.24 -2.02
C GLY B 73 20.09 14.05 -1.14
N ALA B 74 19.37 12.95 -1.29
CA ALA B 74 19.54 11.84 -0.35
C ALA B 74 20.87 11.09 -0.57
N TYR B 75 21.42 11.10 -1.78
CA TYR B 75 22.60 10.28 -2.08
C TYR B 75 23.91 11.05 -2.06
N ASP B 76 23.88 12.38 -2.23
CA ASP B 76 25.10 13.18 -2.21
C ASP B 76 25.01 14.35 -1.24
N GLY B 77 23.93 14.46 -0.47
CA GLY B 77 23.78 15.46 0.56
C GLY B 77 23.62 16.87 0.08
N LYS B 78 23.41 17.07 -1.22
CA LYS B 78 23.46 18.41 -1.79
C LYS B 78 22.21 19.19 -1.43
N PHE B 79 22.39 20.43 -0.96
CA PHE B 79 21.27 21.27 -0.57
C PHE B 79 20.41 21.63 -1.76
N GLU B 80 19.11 21.39 -1.63
CA GLU B 80 18.17 21.62 -2.72
C GLU B 80 17.40 22.93 -2.55
N LYS B 81 16.71 23.12 -1.43
CA LYS B 81 16.00 24.38 -1.23
C LYS B 81 15.48 24.50 0.20
N THR B 82 15.02 25.70 0.52
CA THR B 82 14.50 26.06 1.83
C THR B 82 13.01 26.35 1.69
N ILE B 83 12.19 25.72 2.53
CA ILE B 83 10.76 25.91 2.54
C ILE B 83 10.41 26.66 3.82
N SER B 84 9.73 27.79 3.66
N SER B 84 9.76 27.81 3.67
CA SER B 84 9.53 28.72 4.77
CA SER B 84 9.52 28.73 4.76
C SER B 84 8.10 29.23 4.79
C SER B 84 8.05 29.09 4.83
N GLY B 85 7.63 29.55 6.01
CA GLY B 85 6.28 30.06 6.20
C GLY B 85 5.78 29.99 7.63
N HIS B 86 6.19 28.97 8.37
CA HIS B 86 5.79 28.86 9.77
C HIS B 86 6.35 30.05 10.55
N LYS B 87 5.56 30.55 11.51
CA LYS B 87 5.94 31.72 12.28
C LYS B 87 6.74 31.39 13.54
N LEU B 88 6.82 30.11 13.91
CA LEU B 88 7.60 29.64 15.05
C LEU B 88 8.26 28.33 14.63
N GLY B 89 8.99 27.72 15.56
CA GLY B 89 9.75 26.52 15.26
C GLY B 89 8.87 25.36 14.81
N ILE B 90 9.51 24.43 14.09
CA ILE B 90 8.88 23.23 13.52
C ILE B 90 9.43 22.00 14.24
N SER B 91 8.52 21.11 14.66
CA SER B 91 8.84 19.94 15.47
C SER B 91 8.89 18.65 14.69
N ASP B 92 8.22 18.57 13.55
CA ASP B 92 8.19 17.33 12.79
C ASP B 92 7.86 17.64 11.35
N VAL B 93 8.26 16.73 10.47
CA VAL B 93 7.92 16.84 9.07
C VAL B 93 7.60 15.43 8.58
N ALA B 94 6.76 15.34 7.54
CA ALA B 94 6.42 14.03 7.02
C ALA B 94 6.07 14.14 5.54
N TRP B 95 6.34 13.05 4.80
CA TRP B 95 6.15 12.96 3.36
C TRP B 95 4.87 12.22 2.98
N SER B 96 4.22 12.67 1.92
CA SER B 96 3.20 11.81 1.33
C SER B 96 3.87 10.65 0.60
N SER B 97 3.06 9.62 0.29
CA SER B 97 3.61 8.40 -0.29
C SER B 97 4.18 8.63 -1.68
N ASP B 98 3.60 9.54 -2.45
CA ASP B 98 4.12 9.84 -3.79
C ASP B 98 5.27 10.85 -3.78
N SER B 99 5.76 11.22 -2.59
CA SER B 99 6.87 12.14 -2.35
C SER B 99 6.61 13.58 -2.82
N ASN B 100 5.37 13.93 -3.16
CA ASN B 100 5.11 15.26 -3.71
C ASN B 100 4.67 16.28 -2.67
N LEU B 101 4.22 15.85 -1.49
CA LEU B 101 3.75 16.73 -0.44
C LEU B 101 4.56 16.51 0.83
N LEU B 102 4.67 17.58 1.62
CA LEU B 102 5.19 17.51 2.96
C LEU B 102 4.13 18.07 3.89
N VAL B 103 4.11 17.57 5.13
CA VAL B 103 3.35 18.20 6.20
C VAL B 103 4.33 18.50 7.33
N SER B 104 4.18 19.67 7.93
CA SER B 104 5.00 20.06 9.06
C SER B 104 4.11 20.42 10.24
N ALA B 105 4.62 20.17 11.45
CA ALA B 105 3.95 20.52 12.70
C ALA B 105 4.79 21.59 13.41
N SER B 106 4.15 22.68 13.86
CA SER B 106 4.86 23.84 14.37
C SER B 106 4.33 24.32 15.72
N ASP B 107 5.22 25.02 16.43
CA ASP B 107 4.89 25.72 17.66
C ASP B 107 3.87 26.85 17.43
N ASP B 108 3.71 27.29 16.19
CA ASP B 108 2.68 28.27 15.88
C ASP B 108 1.28 27.65 15.90
N LYS B 109 1.15 26.38 16.28
CA LYS B 109 -0.10 25.68 16.58
C LYS B 109 -0.80 25.23 15.30
N THR B 110 -0.17 25.41 14.15
CA THR B 110 -0.74 24.91 12.91
C THR B 110 0.12 23.78 12.34
N LEU B 111 -0.48 23.01 11.44
CA LEU B 111 0.29 22.27 10.47
C LEU B 111 0.19 22.96 9.12
N LYS B 112 1.18 22.75 8.27
CA LYS B 112 1.13 23.26 6.91
C LYS B 112 1.42 22.12 5.94
N ILE B 113 0.70 22.10 4.82
CA ILE B 113 0.91 21.14 3.74
C ILE B 113 1.63 21.87 2.63
N TRP B 114 2.74 21.31 2.16
CA TRP B 114 3.58 21.99 1.18
C TRP B 114 3.65 21.20 -0.11
N ASP B 115 3.70 21.91 -1.22
CA ASP B 115 4.11 21.31 -2.49
C ASP B 115 5.63 21.39 -2.54
N VAL B 116 6.27 20.22 -2.48
CA VAL B 116 7.73 20.17 -2.44
C VAL B 116 8.35 20.82 -3.67
N SER B 117 7.87 20.47 -4.87
CA SER B 117 8.54 20.96 -6.09
C SER B 117 8.50 22.47 -6.18
N SER B 118 7.40 23.09 -5.71
CA SER B 118 7.24 24.57 -5.78
C SER B 118 7.60 25.25 -4.46
N GLY B 119 7.41 24.57 -3.33
CA GLY B 119 7.63 25.21 -2.05
C GLY B 119 6.51 26.11 -1.57
N LYS B 120 5.34 25.96 -2.18
CA LYS B 120 4.21 26.79 -1.75
C LYS B 120 3.42 26.11 -0.64
N CYS B 121 3.03 26.87 0.37
CA CYS B 121 2.10 26.34 1.36
C CYS B 121 0.74 26.15 0.70
N LEU B 122 0.31 24.89 0.58
CA LEU B 122 -0.98 24.58 -0.01
C LEU B 122 -2.13 24.77 0.98
N LYS B 123 -1.97 24.27 2.21
CA LYS B 123 -2.98 24.44 3.25
C LYS B 123 -2.31 24.71 4.58
N THR B 124 -2.98 25.50 5.41
CA THR B 124 -2.63 25.66 6.81
C THR B 124 -3.71 24.99 7.65
N LEU B 125 -3.33 23.93 8.37
CA LEU B 125 -4.24 23.16 9.20
C LEU B 125 -4.36 23.83 10.56
N LYS B 126 -5.50 24.45 10.83
CA LYS B 126 -5.74 25.12 12.10
C LYS B 126 -6.73 24.35 12.96
N GLY B 127 -6.45 24.30 14.26
CA GLY B 127 -7.38 23.66 15.18
C GLY B 127 -6.78 23.36 16.55
N HIS B 128 -5.53 22.91 16.55
CA HIS B 128 -4.84 22.70 17.81
C HIS B 128 -4.73 24.03 18.53
N SER B 129 -4.77 23.95 19.86
CA SER B 129 -4.69 25.14 20.71
C SER B 129 -3.32 25.30 21.36
N ASN B 130 -2.35 24.45 21.02
CA ASN B 130 -1.00 24.56 21.56
C ASN B 130 -0.04 23.96 20.54
N TYR B 131 1.26 23.93 20.86
CA TYR B 131 2.25 23.49 19.89
C TYR B 131 1.82 22.18 19.26
N VAL B 132 2.05 22.06 17.96
CA VAL B 132 1.89 20.77 17.31
C VAL B 132 3.25 20.09 17.25
N PHE B 133 3.30 18.85 17.74
CA PHE B 133 4.55 18.21 18.10
C PHE B 133 4.92 17.11 17.13
N CYS B 134 3.94 16.56 16.42
CA CYS B 134 4.24 15.39 15.60
C CYS B 134 3.16 15.27 14.54
N CYS B 135 3.53 14.63 13.42
CA CYS B 135 2.58 14.47 12.33
C CYS B 135 3.02 13.31 11.45
N ASN B 136 2.06 12.74 10.71
CA ASN B 136 2.32 11.72 9.71
C ASN B 136 1.14 11.67 8.72
N PHE B 137 1.45 11.43 7.44
CA PHE B 137 0.45 11.00 6.45
C PHE B 137 0.08 9.54 6.64
N ASN B 138 -1.18 9.18 6.29
CA ASN B 138 -1.48 7.76 6.22
C ASN B 138 -0.90 7.24 4.91
N PRO B 139 -0.76 5.91 4.76
CA PRO B 139 -0.15 5.42 3.51
C PRO B 139 -0.89 5.88 2.27
N GLN B 140 -2.22 5.97 2.34
CA GLN B 140 -2.99 6.48 1.21
C GLN B 140 -2.67 7.94 0.94
N SER B 141 -2.28 8.67 1.99
CA SER B 141 -1.97 10.11 1.98
C SER B 141 -3.18 10.98 1.68
N ASN B 142 -4.38 10.47 1.98
CA ASN B 142 -5.57 11.31 2.00
C ASN B 142 -5.82 11.89 3.39
N LEU B 143 -5.12 11.39 4.43
CA LEU B 143 -5.26 11.92 5.78
C LEU B 143 -3.90 12.32 6.35
N ILE B 144 -3.93 13.26 7.29
CA ILE B 144 -2.80 13.54 8.17
C ILE B 144 -3.27 13.33 9.59
N VAL B 145 -2.43 12.74 10.43
CA VAL B 145 -2.63 12.67 11.88
C VAL B 145 -1.62 13.61 12.53
N SER B 146 -2.07 14.33 13.58
CA SER B 146 -1.22 15.23 14.34
C SER B 146 -1.33 14.95 15.84
N GLY B 147 -0.28 15.27 16.58
CA GLY B 147 -0.32 15.22 18.03
C GLY B 147 0.16 16.54 18.59
N SER B 148 -0.40 16.93 19.72
CA SER B 148 -0.12 18.27 20.19
C SER B 148 0.07 18.33 21.70
N PHE B 149 0.78 19.37 22.12
CA PHE B 149 0.84 19.72 23.54
C PHE B 149 -0.55 19.99 24.11
N ASP B 150 -1.56 20.25 23.26
CA ASP B 150 -2.93 20.44 23.75
C ASP B 150 -3.62 19.14 24.13
N GLU B 151 -2.91 18.03 24.07
CA GLU B 151 -3.25 16.70 24.55
C GLU B 151 -4.19 15.98 23.59
N SER B 152 -4.50 16.57 22.45
CA SER B 152 -5.38 15.95 21.47
C SER B 152 -4.58 15.30 20.35
N VAL B 153 -5.26 14.42 19.63
CA VAL B 153 -4.81 13.92 18.35
C VAL B 153 -5.87 14.31 17.35
N ARG B 154 -5.45 14.89 16.22
CA ARG B 154 -6.42 15.29 15.21
C ARG B 154 -6.12 14.57 13.90
N ILE B 155 -7.18 14.24 13.19
CA ILE B 155 -7.08 13.66 11.87
C ILE B 155 -7.62 14.68 10.88
N TRP B 156 -6.83 14.98 9.85
CA TRP B 156 -7.13 16.04 8.90
C TRP B 156 -7.34 15.45 7.51
N ASP B 157 -8.20 16.11 6.75
CA ASP B 157 -8.37 15.80 5.35
C ASP B 157 -7.32 16.54 4.53
N VAL B 158 -6.50 15.80 3.78
CA VAL B 158 -5.44 16.43 3.01
C VAL B 158 -6.03 17.37 1.95
N LYS B 159 -7.12 16.96 1.29
CA LYS B 159 -7.61 17.71 0.15
C LYS B 159 -8.25 19.04 0.57
N THR B 160 -8.97 19.04 1.68
CA THR B 160 -9.67 20.25 2.13
C THR B 160 -8.95 20.99 3.24
N GLY B 161 -8.04 20.33 3.94
CA GLY B 161 -7.44 20.95 5.12
C GLY B 161 -8.32 20.98 6.34
N LYS B 162 -9.52 20.41 6.27
CA LYS B 162 -10.40 20.49 7.43
C LYS B 162 -10.06 19.41 8.45
N CYS B 163 -10.28 19.74 9.72
CA CYS B 163 -10.14 18.74 10.77
C CYS B 163 -11.37 17.82 10.77
N LEU B 164 -11.13 16.52 10.57
CA LEU B 164 -12.21 15.55 10.50
C LEU B 164 -12.60 15.00 11.86
N LYS B 165 -11.62 14.75 12.73
CA LYS B 165 -11.82 14.19 14.06
C LYS B 165 -10.81 14.81 15.03
N THR B 166 -11.25 15.03 16.26
CA THR B 166 -10.36 15.39 17.36
C THR B 166 -10.50 14.29 18.40
N LEU B 167 -9.45 13.52 18.58
CA LEU B 167 -9.48 12.46 19.57
C LEU B 167 -9.03 13.01 20.92
N PRO B 168 -9.81 12.85 21.98
CA PRO B 168 -9.34 13.26 23.32
C PRO B 168 -8.34 12.24 23.84
N ALA B 169 -7.15 12.23 23.22
CA ALA B 169 -6.32 11.04 23.20
C ALA B 169 -5.56 10.80 24.49
N HIS B 170 -5.15 11.88 25.17
CA HIS B 170 -4.17 11.76 26.23
C HIS B 170 -4.42 12.86 27.25
N SER B 171 -3.72 12.77 28.38
CA SER B 171 -3.88 13.76 29.42
C SER B 171 -2.60 14.57 29.64
N ASP B 172 -1.70 14.54 28.66
CA ASP B 172 -0.47 15.31 28.67
C ASP B 172 -0.05 15.45 27.22
N PRO B 173 1.05 16.11 26.92
CA PRO B 173 1.45 16.31 25.53
C PRO B 173 1.67 14.99 24.79
N VAL B 174 1.21 14.95 23.54
CA VAL B 174 1.30 13.77 22.69
C VAL B 174 2.62 13.82 21.93
N SER B 175 3.45 12.77 22.09
CA SER B 175 4.80 12.78 21.57
C SER B 175 4.96 12.12 20.20
N ALA B 176 4.04 11.25 19.80
CA ALA B 176 4.20 10.63 18.48
C ALA B 176 2.83 10.13 18.02
N VAL B 177 2.63 10.14 16.70
CA VAL B 177 1.41 9.61 16.08
C VAL B 177 1.84 8.96 14.78
N HIS B 178 1.30 7.78 14.50
CA HIS B 178 1.71 6.99 13.33
C HIS B 178 0.55 6.13 12.87
N PHE B 179 0.34 6.08 11.55
CA PHE B 179 -0.58 5.11 10.97
C PHE B 179 0.12 3.76 10.76
N ASN B 180 -0.67 2.69 10.85
CA ASN B 180 -0.16 1.37 10.55
C ASN B 180 -0.11 1.23 9.03
N ARG B 181 0.25 0.03 8.60
CA ARG B 181 0.63 -0.28 7.22
C ARG B 181 -0.48 0.03 6.21
N ASP B 182 -1.75 -0.16 6.58
CA ASP B 182 -2.83 0.06 5.61
C ASP B 182 -3.67 1.29 5.93
N GLY B 183 -3.29 2.07 6.95
CA GLY B 183 -4.05 3.23 7.35
C GLY B 183 -5.22 2.98 8.28
N SER B 184 -5.53 1.72 8.60
CA SER B 184 -6.72 1.39 9.39
C SER B 184 -6.56 1.68 10.88
N LEU B 185 -5.33 1.92 11.34
CA LEU B 185 -5.05 2.16 12.75
C LEU B 185 -4.07 3.29 12.90
N ILE B 186 -4.15 3.91 14.08
CA ILE B 186 -3.27 4.98 14.54
C ILE B 186 -2.75 4.57 15.92
N VAL B 187 -1.49 4.86 16.18
CA VAL B 187 -0.94 4.67 17.52
C VAL B 187 -0.44 6.02 17.99
N SER B 188 -0.62 6.31 19.27
CA SER B 188 -0.15 7.57 19.78
C SER B 188 0.52 7.32 21.12
N SER B 189 1.39 8.25 21.51
CA SER B 189 2.12 8.17 22.77
C SER B 189 2.11 9.55 23.42
N SER B 190 2.37 9.57 24.72
CA SER B 190 2.20 10.80 25.49
C SER B 190 3.06 10.82 26.74
N TYR B 191 3.39 12.03 27.16
CA TYR B 191 3.98 12.25 28.48
C TYR B 191 3.18 11.61 29.60
N ASP B 192 1.88 11.36 29.39
CA ASP B 192 1.06 10.74 30.41
C ASP B 192 1.42 9.27 30.65
N GLY B 193 2.30 8.69 29.84
CA GLY B 193 2.81 7.36 30.10
C GLY B 193 2.08 6.28 29.35
N LEU B 194 1.14 6.63 28.48
CA LEU B 194 0.34 5.66 27.76
C LEU B 194 0.71 5.64 26.30
N CYS B 195 0.54 4.46 25.70
CA CYS B 195 0.46 4.27 24.27
C CYS B 195 -0.98 3.88 23.97
N ARG B 196 -1.57 4.43 22.92
CA ARG B 196 -2.95 4.07 22.60
C ARG B 196 -3.11 3.78 21.12
N ILE B 197 -3.97 2.83 20.80
CA ILE B 197 -4.16 2.41 19.43
C ILE B 197 -5.60 2.70 19.07
N TRP B 198 -5.79 3.32 17.91
CA TRP B 198 -7.06 3.90 17.55
C TRP B 198 -7.51 3.35 16.22
N ASP B 199 -8.80 3.09 16.10
CA ASP B 199 -9.42 2.78 14.82
C ASP B 199 -9.58 4.09 14.03
N THR B 200 -8.94 4.16 12.85
CA THR B 200 -8.93 5.41 12.08
C THR B 200 -10.33 5.85 11.67
N ALA B 201 -11.14 4.92 11.17
CA ALA B 201 -12.43 5.32 10.62
C ALA B 201 -13.38 5.86 11.71
N SER B 202 -13.34 5.27 12.91
CA SER B 202 -14.27 5.60 13.98
C SER B 202 -13.68 6.55 15.04
N GLY B 203 -12.36 6.68 15.11
CA GLY B 203 -11.72 7.41 16.19
C GLY B 203 -11.85 6.76 17.56
N GLN B 204 -12.29 5.52 17.63
CA GLN B 204 -12.42 4.84 18.93
C GLN B 204 -11.08 4.22 19.36
N CYS B 205 -10.84 4.24 20.67
CA CYS B 205 -9.63 3.66 21.23
C CYS B 205 -9.78 2.15 21.32
N LEU B 206 -8.90 1.40 20.65
CA LEU B 206 -8.96 -0.04 20.70
C LEU B 206 -8.04 -0.64 21.75
N LYS B 207 -7.03 0.09 22.20
CA LYS B 207 -6.10 -0.49 23.17
C LYS B 207 -5.36 0.64 23.88
N THR B 208 -5.19 0.47 25.18
CA THR B 208 -4.30 1.33 25.97
C THR B 208 -3.27 0.43 26.64
N LEU B 209 -2.01 0.71 26.38
CA LEU B 209 -0.90 0.05 27.08
C LEU B 209 -0.50 0.88 28.28
N ASN B 214 4.85 3.96 34.63
CA ASN B 214 4.35 5.09 33.85
C ASN B 214 5.38 6.18 33.49
N PRO B 215 6.57 5.80 33.01
CA PRO B 215 7.48 6.82 32.50
C PRO B 215 6.86 7.49 31.30
N PRO B 216 7.18 8.77 31.06
CA PRO B 216 6.74 9.43 29.83
C PRO B 216 7.11 8.62 28.60
N VAL B 217 6.16 8.44 27.70
CA VAL B 217 6.42 7.78 26.42
C VAL B 217 6.79 8.85 25.41
N SER B 218 8.04 8.83 24.96
CA SER B 218 8.55 9.93 24.11
C SER B 218 8.46 9.62 22.61
N PHE B 219 8.21 8.37 22.24
CA PHE B 219 8.17 7.97 20.85
C PHE B 219 7.39 6.67 20.70
N VAL B 220 6.60 6.56 19.63
CA VAL B 220 5.91 5.32 19.32
C VAL B 220 5.73 5.23 17.80
N LYS B 221 5.80 3.99 17.28
CA LYS B 221 5.47 3.75 15.87
C LYS B 221 5.15 2.28 15.70
N PHE B 222 4.37 1.98 14.66
CA PHE B 222 4.08 0.60 14.32
C PHE B 222 5.28 -0.02 13.65
N SER B 223 5.47 -1.33 13.89
CA SER B 223 6.39 -2.09 13.08
C SER B 223 5.84 -2.13 11.65
N PRO B 224 6.69 -2.37 10.65
CA PRO B 224 6.20 -2.38 9.27
C PRO B 224 5.13 -3.44 9.01
N ASN B 225 5.14 -4.55 9.75
CA ASN B 225 4.10 -5.56 9.60
C ASN B 225 2.86 -5.28 10.44
N GLY B 226 2.88 -4.22 11.25
CA GLY B 226 1.71 -3.76 11.98
C GLY B 226 1.38 -4.54 13.24
N LYS B 227 2.10 -5.62 13.53
CA LYS B 227 1.77 -6.47 14.67
C LYS B 227 2.42 -5.98 15.95
N TYR B 228 3.44 -5.13 15.85
CA TYR B 228 4.17 -4.63 17.00
C TYR B 228 4.14 -3.11 17.01
N ILE B 229 4.41 -2.54 18.18
CA ILE B 229 4.77 -1.12 18.26
C ILE B 229 6.09 -1.02 18.99
N LEU B 230 6.97 -0.16 18.49
CA LEU B 230 8.20 0.22 19.16
C LEU B 230 7.95 1.53 19.93
N ALA B 231 8.19 1.52 21.24
CA ALA B 231 7.92 2.65 22.10
C ALA B 231 9.19 3.03 22.88
N ALA B 232 9.44 4.34 22.97
CA ALA B 232 10.55 4.88 23.76
C ALA B 232 10.00 5.52 25.02
N THR B 233 10.72 5.33 26.14
CA THR B 233 10.35 5.98 27.39
C THR B 233 11.55 6.74 27.95
N LEU B 234 11.24 7.77 28.74
CA LEU B 234 12.28 8.64 29.28
C LEU B 234 12.97 8.01 30.48
N ASP B 235 13.13 6.69 30.45
CA ASP B 235 13.97 5.94 31.38
C ASP B 235 15.04 5.15 30.61
N ASN B 236 15.50 5.71 29.49
CA ASN B 236 16.61 5.15 28.70
C ASN B 236 16.26 3.79 28.10
N THR B 237 15.02 3.62 27.65
CA THR B 237 14.52 2.30 27.29
C THR B 237 13.69 2.36 26.02
N LEU B 238 13.97 1.43 25.10
CA LEU B 238 13.12 1.19 23.94
C LEU B 238 12.49 -0.18 24.10
N LYS B 239 11.20 -0.30 23.76
CA LYS B 239 10.49 -1.56 23.92
C LYS B 239 9.69 -1.88 22.67
N LEU B 240 9.77 -3.13 22.20
CA LEU B 240 8.93 -3.65 21.13
C LEU B 240 7.77 -4.43 21.76
N TRP B 241 6.55 -4.00 21.50
CA TRP B 241 5.37 -4.51 22.19
C TRP B 241 4.48 -5.28 21.21
N ASP B 242 3.95 -6.40 21.66
CA ASP B 242 2.81 -6.99 20.94
C ASP B 242 1.59 -6.41 21.63
N TYR B 243 1.06 -5.33 21.05
CA TYR B 243 0.01 -4.57 21.72
C TYR B 243 -1.28 -5.33 21.82
N SER B 244 -1.48 -6.35 20.98
CA SER B 244 -2.69 -7.16 21.07
C SER B 244 -2.63 -8.06 22.30
N LYS B 245 -1.47 -8.62 22.61
CA LYS B 245 -1.30 -9.42 23.80
C LYS B 245 -0.88 -8.59 25.00
N GLY B 246 -0.58 -7.30 24.79
CA GLY B 246 -0.09 -6.46 25.87
C GLY B 246 1.24 -6.93 26.42
N LYS B 247 2.05 -7.62 25.61
CA LYS B 247 3.28 -8.24 26.07
C LYS B 247 4.49 -7.58 25.42
N CYS B 248 5.54 -7.39 26.21
CA CYS B 248 6.79 -6.79 25.72
C CYS B 248 7.70 -7.92 25.24
N LEU B 249 8.08 -7.88 23.97
CA LEU B 249 8.86 -8.93 23.34
C LEU B 249 10.35 -8.65 23.31
N LYS B 250 10.74 -7.39 23.11
CA LYS B 250 12.12 -6.96 23.11
C LYS B 250 12.27 -5.68 23.91
N THR B 251 13.43 -5.51 24.52
CA THR B 251 13.81 -4.27 25.17
C THR B 251 15.19 -3.89 24.63
N TYR B 252 15.40 -2.61 24.34
CA TYR B 252 16.67 -2.13 23.83
C TYR B 252 17.17 -1.02 24.73
N THR B 253 18.37 -1.18 25.29
CA THR B 253 18.91 -0.27 26.29
C THR B 253 20.39 -0.01 25.99
N GLY B 254 21.01 0.82 26.84
CA GLY B 254 22.41 1.16 26.70
C GLY B 254 22.65 2.56 26.20
N HIS B 255 21.64 3.17 25.58
CA HIS B 255 21.70 4.56 25.15
C HIS B 255 21.22 5.45 26.29
N LYS B 256 21.17 6.75 26.03
CA LYS B 256 20.72 7.71 27.07
C LYS B 256 19.50 8.45 26.52
N ASN B 257 18.41 8.46 27.28
CA ASN B 257 17.19 9.11 26.80
C ASN B 257 16.30 9.32 28.03
N GLU B 258 16.45 10.49 28.65
CA GLU B 258 15.72 10.84 29.85
C GLU B 258 15.03 12.19 29.71
N LYS B 259 15.22 12.89 28.58
CA LYS B 259 14.66 14.27 28.48
C LYS B 259 14.03 14.57 27.12
N TYR B 260 14.54 14.01 26.04
CA TYR B 260 14.09 14.39 24.72
C TYR B 260 13.22 13.35 24.04
N CYS B 261 12.34 13.83 23.16
CA CYS B 261 11.49 12.94 22.34
C CYS B 261 12.30 12.61 21.09
N ILE B 262 13.06 11.53 21.17
CA ILE B 262 13.96 11.09 20.08
C ILE B 262 13.27 10.06 19.18
N PHE B 263 13.32 10.28 17.87
CA PHE B 263 12.79 9.31 16.93
C PHE B 263 13.57 8.00 16.97
N ALA B 264 12.90 6.91 16.58
CA ALA B 264 13.54 5.63 16.36
C ALA B 264 12.98 5.03 15.08
N ASN B 265 13.67 3.99 14.59
CA ASN B 265 13.29 3.38 13.32
C ASN B 265 13.54 1.87 13.33
N PHE B 266 12.82 1.20 12.44
CA PHE B 266 13.14 -0.15 11.98
C PHE B 266 13.97 -0.01 10.72
N SER B 267 15.18 -0.60 10.71
CA SER B 267 16.01 -0.66 9.52
C SER B 267 15.81 -2.04 8.88
N VAL B 268 15.43 -2.06 7.60
CA VAL B 268 14.97 -3.29 6.96
C VAL B 268 15.63 -3.53 5.61
N THR B 269 16.37 -2.54 5.10
CA THR B 269 17.01 -2.70 3.79
C THR B 269 18.06 -3.81 3.78
N GLY B 270 18.73 -4.03 4.91
CA GLY B 270 19.67 -5.14 4.98
C GLY B 270 19.41 -5.94 6.24
N GLY B 271 20.33 -5.84 7.19
CA GLY B 271 20.08 -6.44 8.49
C GLY B 271 18.85 -5.82 9.14
N LYS B 272 18.20 -6.61 9.99
CA LYS B 272 17.01 -6.12 10.66
C LYS B 272 17.48 -5.48 11.95
N TRP B 273 17.56 -4.14 11.95
CA TRP B 273 18.02 -3.39 13.11
C TRP B 273 16.92 -2.54 13.73
N ILE B 274 17.24 -2.03 14.91
CA ILE B 274 16.57 -0.89 15.54
C ILE B 274 17.57 0.25 15.59
N VAL B 275 17.13 1.47 15.23
CA VAL B 275 17.99 2.63 15.13
C VAL B 275 17.39 3.76 15.98
N SER B 276 18.22 4.45 16.74
CA SER B 276 17.73 5.54 17.56
C SER B 276 18.85 6.53 17.86
N GLY B 277 18.46 7.79 18.07
CA GLY B 277 19.37 8.77 18.60
C GLY B 277 19.56 8.58 20.09
N SER B 278 20.36 9.47 20.68
CA SER B 278 20.74 9.33 22.07
C SER B 278 21.21 10.68 22.59
N GLU B 279 21.06 10.87 23.91
CA GLU B 279 21.46 12.16 24.54
C GLU B 279 22.96 12.20 24.80
N ASP B 280 23.68 11.14 24.43
CA ASP B 280 25.14 11.17 24.53
C ASP B 280 25.80 11.43 23.17
N ASN B 281 25.03 11.97 22.22
CA ASN B 281 25.49 12.43 20.91
C ASN B 281 25.83 11.28 19.95
N LEU B 282 25.40 10.08 20.30
CA LEU B 282 25.69 8.92 19.41
C LEU B 282 24.41 8.43 18.71
N VAL B 283 24.59 7.73 17.60
CA VAL B 283 23.42 7.08 16.94
C VAL B 283 23.56 5.61 17.32
N TYR B 284 22.52 5.02 17.91
CA TYR B 284 22.63 3.63 18.39
C TYR B 284 21.91 2.69 17.44
N ILE B 285 22.51 1.53 17.18
CA ILE B 285 21.93 0.52 16.31
C ILE B 285 21.92 -0.80 17.06
N TRP B 286 20.75 -1.41 17.18
CA TRP B 286 20.65 -2.71 17.81
C TRP B 286 20.28 -3.78 16.79
N ASN B 287 20.64 -5.02 17.10
CA ASN B 287 20.04 -6.15 16.43
C ASN B 287 18.65 -6.36 17.03
N LEU B 288 17.64 -6.45 16.17
CA LEU B 288 16.27 -6.45 16.68
C LEU B 288 15.98 -7.75 17.43
N GLN B 289 16.40 -8.89 16.89
CA GLN B 289 16.18 -10.17 17.56
C GLN B 289 16.99 -10.26 18.85
N THR B 290 18.29 -9.96 18.80
CA THR B 290 19.15 -10.26 19.94
C THR B 290 19.23 -9.13 20.95
N LYS B 291 18.68 -7.95 20.64
CA LYS B 291 18.77 -6.76 21.48
C LYS B 291 20.21 -6.30 21.70
N GLU B 292 21.17 -6.86 20.96
CA GLU B 292 22.57 -6.54 21.15
C GLU B 292 22.92 -5.27 20.39
N ILE B 293 23.68 -4.38 21.04
CA ILE B 293 24.13 -3.16 20.39
C ILE B 293 25.17 -3.55 19.35
N VAL B 294 24.84 -3.37 18.07
CA VAL B 294 25.74 -3.76 16.99
C VAL B 294 26.58 -2.60 16.44
N GLN B 295 26.15 -1.36 16.65
CA GLN B 295 27.00 -0.21 16.23
C GLN B 295 26.61 1.10 16.93
N LYS B 296 27.59 1.96 17.18
CA LYS B 296 27.31 3.30 17.74
C LYS B 296 27.97 4.29 16.78
N LEU B 297 27.23 5.30 16.32
CA LEU B 297 27.79 6.21 15.29
C LEU B 297 28.26 7.50 15.95
N GLN B 298 29.54 7.81 15.80
CA GLN B 298 30.13 8.98 16.49
C GLN B 298 30.42 10.10 15.50
N GLY B 299 30.05 11.33 15.86
CA GLY B 299 30.31 12.49 14.99
C GLY B 299 29.57 13.72 15.49
N HIS B 300 28.32 13.56 15.93
CA HIS B 300 27.55 14.73 16.31
C HIS B 300 28.10 15.35 17.60
N THR B 301 27.81 16.64 17.78
CA THR B 301 28.30 17.39 18.94
C THR B 301 27.16 17.89 19.82
N ASP B 302 25.99 17.28 19.70
CA ASP B 302 24.87 17.54 20.59
C ASP B 302 23.91 16.36 20.47
N VAL B 303 22.85 16.39 21.27
CA VAL B 303 21.85 15.29 21.31
C VAL B 303 21.37 14.97 19.89
N VAL B 304 21.42 13.69 19.54
CA VAL B 304 20.93 13.26 18.23
C VAL B 304 19.42 13.03 18.37
N ILE B 305 18.64 14.03 17.94
CA ILE B 305 17.16 14.01 18.21
C ILE B 305 16.40 13.17 17.18
N SER B 306 16.97 12.95 16.00
CA SER B 306 16.16 12.31 14.98
C SER B 306 17.05 11.44 14.12
N THR B 307 16.55 10.27 13.77
CA THR B 307 17.21 9.40 12.79
C THR B 307 16.17 8.97 11.76
N ALA B 308 16.65 8.61 10.58
CA ALA B 308 15.80 8.12 9.51
C ALA B 308 16.57 7.08 8.72
N CYS B 309 15.85 6.08 8.21
CA CYS B 309 16.42 5.00 7.40
C CYS B 309 15.92 5.09 5.97
N HIS B 310 16.85 5.00 5.02
CA HIS B 310 16.50 5.15 3.61
C HIS B 310 15.62 3.99 3.16
N PRO B 311 14.68 4.25 2.23
CA PRO B 311 13.71 3.20 1.90
C PRO B 311 14.27 2.02 1.08
N THR B 312 15.38 2.17 0.35
CA THR B 312 15.92 1.02 -0.40
C THR B 312 17.40 0.71 -0.14
N GLU B 313 18.16 1.72 0.25
CA GLU B 313 19.58 1.58 0.54
C GLU B 313 19.81 1.58 2.04
N ASN B 314 20.95 1.00 2.44
CA ASN B 314 21.39 1.00 3.83
C ASN B 314 22.03 2.36 4.16
N ILE B 315 21.19 3.40 4.10
CA ILE B 315 21.58 4.77 4.44
C ILE B 315 20.81 5.20 5.68
N ILE B 316 21.50 5.79 6.65
CA ILE B 316 20.86 6.44 7.80
C ILE B 316 21.15 7.93 7.72
N ALA B 317 20.16 8.74 8.06
CA ALA B 317 20.35 10.17 8.29
C ALA B 317 20.13 10.44 9.77
N SER B 318 21.05 11.20 10.36
CA SER B 318 20.94 11.59 11.77
C SER B 318 21.00 13.11 11.89
N ALA B 319 20.36 13.66 12.94
CA ALA B 319 20.34 15.10 13.12
C ALA B 319 20.46 15.46 14.61
N ALA B 320 21.09 16.59 14.89
CA ALA B 320 21.45 16.96 16.26
C ALA B 320 20.92 18.34 16.66
N LEU B 321 20.98 18.62 17.97
CA LEU B 321 20.44 19.86 18.53
C LEU B 321 21.43 21.02 18.41
N GLU B 322 21.20 22.08 19.21
CA GLU B 322 21.63 23.44 18.86
C GLU B 322 23.15 23.68 18.98
N ASN B 323 23.90 22.84 19.70
CA ASN B 323 25.35 22.97 19.66
C ASN B 323 25.94 22.37 18.40
N ASP B 324 25.10 21.78 17.56
CA ASP B 324 25.50 21.05 16.36
C ASP B 324 24.79 21.62 15.14
N LYS B 325 23.46 21.47 15.05
CA LYS B 325 22.58 21.96 13.99
C LYS B 325 22.84 21.32 12.63
N THR B 326 23.60 20.24 12.56
CA THR B 326 23.83 19.56 11.28
C THR B 326 23.08 18.24 11.19
N ILE B 327 23.00 17.76 9.95
CA ILE B 327 22.50 16.44 9.60
C ILE B 327 23.67 15.66 9.01
N LYS B 328 23.79 14.40 9.38
CA LYS B 328 24.82 13.54 8.84
C LYS B 328 24.17 12.38 8.11
N LEU B 329 24.79 11.97 7.01
CA LEU B 329 24.35 10.83 6.20
C LEU B 329 25.38 9.71 6.33
N TRP B 330 24.89 8.50 6.61
CA TRP B 330 25.73 7.33 6.87
C TRP B 330 25.36 6.21 5.89
N LYS B 331 26.35 5.35 5.63
CA LYS B 331 26.36 4.29 4.59
C LYS B 331 26.96 3.00 5.13
N SER B 332 26.20 1.90 5.02
CA SER B 332 26.65 0.59 5.49
C SER B 332 26.61 -0.42 4.35
N ASP B 333 27.43 -1.46 4.48
CA ASP B 333 27.44 -2.53 3.48
C ASP B 333 26.36 -3.59 3.71
N CYS B 334 25.66 -3.57 4.84
CA CYS B 334 24.61 -4.55 5.09
C CYS B 334 23.59 -4.00 6.07
C YCP C 1 -5.15 -14.23 -19.28
N YCP C 1 -6.26 -14.54 -17.11
O YCP C 1 -4.46 -15.13 -19.02
CA YCP C 1 -6.12 -13.62 -18.27
CB YCP C 1 -5.58 -12.25 -17.90
CD YCP C 1 -6.68 -12.55 -15.66
CE YCP C 1 -7.15 -13.94 -16.07
CG YCP C 1 -6.38 -11.64 -16.79
CA A1EAK C 2 -4.16 -14.11 -21.65
CB A1EAK C 2 -2.95 -13.20 -21.81
C12 A1EAK C 2 -2.04 -13.17 -20.42
C13 A1EAK C 2 -0.82 -12.68 -20.81
C14 A1EAK C 2 -0.65 -13.17 -22.34
C15 A1EAK C 2 -2.10 -13.63 -22.82
C A1EAK C 2 -4.99 -14.08 -22.89
N A1EAK C 2 -5.08 -13.57 -20.64
O A1EAK C 2 -5.63 -13.10 -23.22
N1 A1ECH C 3 -3.71 -16.13 -26.13
C20 A1ECH C 3 -7.27 -16.95 -26.23
C21 A1ECH C 3 -8.74 -16.59 -26.67
C22 A1ECH C 3 -9.86 -16.93 -25.60
C24 A1ECH C 3 -11.96 -16.33 -24.53
C26 A1ECH C 3 -10.74 -18.35 -23.86
CA A1ECH C 3 -5.88 -15.20 -24.91
CB A1ECH C 3 -6.86 -16.35 -24.84
C23 A1ECH C 3 -10.97 -16.05 -25.46
C25 A1ECH C 3 -11.85 -17.49 -23.73
C27 A1ECH C 3 -9.76 -18.07 -24.80
C A1ECH C 3 -4.90 -15.22 -26.07
N A1ECH C 3 -5.05 -15.27 -23.70
O A1ECH C 3 -5.05 -14.45 -26.97
C1 A1ECH C 3 -3.30 -17.15 -25.18
C YCP D 1 10.42 16.94 18.89
N YCP D 1 8.92 15.90 17.21
O YCP D 1 9.94 17.97 18.69
CA YCP D 1 10.11 15.68 18.08
CB YCP D 1 11.37 15.26 17.29
CD YCP D 1 9.70 13.57 16.70
CE YCP D 1 8.61 14.63 16.48
CG YCP D 1 11.05 14.14 16.39
CA A1EAK D 2 11.68 17.94 20.79
CB A1EAK D 2 13.05 18.43 20.35
C12 A1EAK D 2 13.53 19.40 21.20
C13 A1EAK D 2 14.57 20.21 20.30
C14 A1EAK D 2 14.16 19.90 18.77
C15 A1EAK D 2 13.01 19.15 18.84
C A1EAK D 2 11.77 17.44 22.20
N A1EAK D 2 11.38 16.74 20.01
O A1EAK D 2 12.37 16.44 22.51
N1 A1ECH D 3 11.90 20.25 25.26
C20 A1ECH D 3 9.87 17.18 26.68
C21 A1ECH D 3 8.41 17.08 27.24
C22 A1ECH D 3 7.75 15.71 26.79
C24 A1ECH D 3 5.97 14.49 25.70
C26 A1ECH D 3 7.85 13.28 26.72
CA A1ECH D 3 11.20 17.76 24.62
CB A1ECH D 3 9.80 17.72 25.22
C23 A1ECH D 3 6.54 15.71 26.08
C25 A1ECH D 3 6.62 13.27 26.03
C27 A1ECH D 3 8.41 14.49 27.11
C A1ECH D 3 12.09 18.77 25.35
N A1ECH D 3 11.08 18.21 23.23
O A1ECH D 3 12.99 18.38 26.02
C1 A1ECH D 3 10.85 20.97 24.52
#